data_4RVK
#
_entry.id   4RVK
#
_cell.length_a   44.989
_cell.length_b   65.906
_cell.length_c   57.875
_cell.angle_alpha   90.00
_cell.angle_beta   93.92
_cell.angle_gamma   90.00
#
_symmetry.space_group_name_H-M   'P 1 21 1'
#
loop_
_entity.id
_entity.type
_entity.pdbx_description
1 polymer 'Serine/threonine-protein kinase Chk1'
2 non-polymer "N-[3-(6-cyano-9H-pyrrolo[2,3-b:5,4-c']dipyridin-3-yl)phenyl]acetamide"
3 water water
#
_entity_poly.entity_id   1
_entity_poly.type   'polypeptide(L)'
_entity_poly.pdbx_seq_one_letter_code
;MAVPFVEDWDLVQTLGEGAYGEVQLAVNRVTEEAVAVKIVDMKRAVDCPENIKKEICINKMLNHENVVKFYGHRREGNIQ
YLFLEYCSGGELFDRIEPDIGMPEPDAQRFFHQLMAGVVYLHGIGITHRDIKPENLLLDERDNLKISDFGLATVFRYNNR
ERLLNKMCGTLPYVAPELLKRREFHAEPVDVWSCGIVLTAMLAGELPWDQPSDSCQEYSDWKEKKTYLNPWKKIDSAPLA
LLHKILVENPSARITIPDIKKDRWYNKPLKKGAKRPRVTSGGVSESPSGGHHHHHHHH
;
_entity_poly.pdbx_strand_id   A
#
loop_
_chem_comp.id
_chem_comp.type
_chem_comp.name
_chem_comp.formula
3XK non-polymer N-[3-(6-cyano-9H-pyrrolo[2,3-b:5,4-c']dipyridin-3-yl)phenyl]acetamide 'C19 H13 N5 O'
#
# COMPACT_ATOMS: atom_id res chain seq x y z
N VAL A 3 -13.57 29.97 19.18
CA VAL A 3 -12.94 29.35 20.38
C VAL A 3 -11.41 29.42 20.35
N PRO A 4 -10.81 30.23 21.26
CA PRO A 4 -9.35 30.33 21.45
C PRO A 4 -8.62 28.98 21.61
N PHE A 5 -7.40 28.88 21.07
CA PHE A 5 -6.49 27.77 21.28
C PHE A 5 -6.76 26.54 20.39
N VAL A 6 -7.85 26.58 19.62
CA VAL A 6 -8.38 25.39 18.92
C VAL A 6 -7.52 24.98 17.67
N GLU A 7 -6.48 25.77 17.37
CA GLU A 7 -5.54 25.44 16.30
C GLU A 7 -4.18 25.05 16.84
N ASP A 8 -4.10 24.88 18.17
CA ASP A 8 -2.88 24.47 18.83
C ASP A 8 -2.91 22.96 19.02
N TRP A 9 -1.79 22.34 18.68
CA TRP A 9 -1.64 20.91 18.68
C TRP A 9 -0.37 20.59 19.44
N ASP A 10 -0.47 19.68 20.40
CA ASP A 10 0.70 19.13 21.06
C ASP A 10 1.21 17.85 20.34
N LEU A 11 2.49 17.87 19.95
CA LEU A 11 3.15 16.73 19.35
C LEU A 11 3.60 15.83 20.49
N VAL A 12 3.06 14.63 20.54
CA VAL A 12 3.17 13.77 21.72
C VAL A 12 3.96 12.46 21.54
N GLN A 13 4.26 12.08 20.30
CA GLN A 13 4.85 10.76 20.01
C GLN A 13 5.23 10.61 18.54
N THR A 14 6.44 10.10 18.28
CA THR A 14 6.92 9.78 16.92
C THR A 14 6.24 8.53 16.38
N LEU A 15 5.55 8.64 15.25
CA LEU A 15 4.89 7.48 14.61
C LEU A 15 5.76 6.81 13.55
N GLY A 16 6.76 7.54 13.06
CA GLY A 16 7.62 7.02 12.00
C GLY A 16 8.64 8.04 11.55
N GLU A 17 9.73 7.52 10.98
CA GLU A 17 10.93 8.29 10.70
C GLU A 17 11.55 7.79 9.41
N GLY A 18 11.15 8.38 8.30
CA GLY A 18 11.71 8.04 6.98
C GLY A 18 12.80 9.00 6.55
N ALA A 19 12.94 9.17 5.24
CA ALA A 19 13.96 10.04 4.65
C ALA A 19 13.64 11.51 4.93
N TYR A 20 12.43 11.90 4.54
CA TYR A 20 11.88 13.26 4.77
C TYR A 20 12.12 13.84 6.17
N GLY A 21 11.90 13.02 7.19
CA GLY A 21 11.94 13.49 8.57
C GLY A 21 11.14 12.57 9.45
N GLU A 22 9.91 12.98 9.78
CA GLU A 22 9.12 12.24 10.75
C GLU A 22 7.63 12.48 10.65
N VAL A 23 6.89 11.56 11.26
CA VAL A 23 5.47 11.66 11.42
C VAL A 23 5.33 11.58 12.92
N GLN A 24 4.63 12.57 13.48
CA GLN A 24 4.35 12.67 14.92
C GLN A 24 2.85 12.55 15.12
N LEU A 25 2.46 11.87 16.19
CA LEU A 25 1.11 12.00 16.73
C LEU A 25 0.95 13.40 17.30
N ALA A 26 -0.11 14.10 16.86
CA ALA A 26 -0.48 15.44 17.35
C ALA A 26 -1.87 15.40 17.98
N VAL A 27 -2.01 15.95 19.19
CA VAL A 27 -3.31 16.02 19.84
C VAL A 27 -3.70 17.49 20.07
N ASN A 28 -4.95 17.81 19.70
CA ASN A 28 -5.44 19.17 19.79
C ASN A 28 -5.53 19.58 21.24
N ARG A 29 -5.02 20.78 21.52
CA ARG A 29 -5.07 21.39 22.84
C ARG A 29 -6.49 21.43 23.47
N VAL A 30 -7.47 21.75 22.64
CA VAL A 30 -8.84 21.95 23.05
C VAL A 30 -9.73 20.72 22.90
N THR A 31 -9.85 20.22 21.67
CA THR A 31 -10.75 19.10 21.35
C THR A 31 -10.19 17.75 21.74
N GLU A 32 -8.86 17.64 21.87
CA GLU A 32 -8.16 16.36 22.01
C GLU A 32 -8.30 15.46 20.76
N GLU A 33 -8.73 16.02 19.62
CA GLU A 33 -8.69 15.25 18.37
C GLU A 33 -7.24 14.84 18.09
N ALA A 34 -7.02 13.57 17.71
CA ALA A 34 -5.69 13.06 17.34
C ALA A 34 -5.55 13.03 15.84
N VAL A 35 -4.49 13.67 15.35
CA VAL A 35 -4.10 13.58 13.95
C VAL A 35 -2.63 13.15 13.83
N ALA A 36 -2.26 12.78 12.61
CA ALA A 36 -0.88 12.47 12.28
C ALA A 36 -0.35 13.68 11.51
N VAL A 37 0.84 14.12 11.90
CA VAL A 37 1.46 15.30 11.33
C VAL A 37 2.79 14.87 10.73
N LYS A 38 2.95 15.11 9.43
CA LYS A 38 4.18 14.75 8.73
C LYS A 38 5.06 15.99 8.61
N ILE A 39 6.30 15.85 9.08
CA ILE A 39 7.26 16.95 9.19
C ILE A 39 8.30 16.77 8.08
N VAL A 40 8.34 17.69 7.11
CA VAL A 40 9.17 17.52 5.92
C VAL A 40 10.02 18.77 5.63
N ASP A 41 11.23 18.77 6.18
CA ASP A 41 12.17 19.88 6.10
C ASP A 41 12.69 20.09 4.67
N MET A 42 12.19 21.14 4.00
CA MET A 42 12.41 21.35 2.57
C MET A 42 13.86 21.72 2.20
N LYS A 43 14.73 21.85 3.21
CA LYS A 43 16.16 22.15 2.99
C LYS A 43 16.99 20.87 2.90
N ASN A 51 8.92 18.09 -4.55
CA ASN A 51 8.75 16.68 -4.23
C ASN A 51 7.68 16.44 -3.16
N ILE A 52 7.67 17.29 -2.14
CA ILE A 52 6.61 17.26 -1.16
C ILE A 52 5.43 18.09 -1.67
N LYS A 53 5.71 19.04 -2.57
CA LYS A 53 4.66 19.84 -3.20
C LYS A 53 3.71 18.95 -3.99
N LYS A 54 4.28 17.89 -4.57
CA LYS A 54 3.53 16.91 -5.31
C LYS A 54 2.78 15.93 -4.39
N GLU A 55 3.40 15.54 -3.28
CA GLU A 55 2.74 14.69 -2.30
C GLU A 55 1.48 15.40 -1.79
N ILE A 56 1.61 16.70 -1.49
CA ILE A 56 0.47 17.52 -1.03
C ILE A 56 -0.58 17.63 -2.14
N CYS A 57 -0.11 17.87 -3.36
CA CYS A 57 -0.99 18.02 -4.53
C CYS A 57 -1.89 16.79 -4.70
N ILE A 58 -1.28 15.62 -4.66
CA ILE A 58 -2.01 14.39 -4.74
C ILE A 58 -2.93 14.17 -3.53
N ASN A 59 -2.39 14.38 -2.34
CA ASN A 59 -3.19 14.23 -1.09
C ASN A 59 -4.51 15.02 -1.12
N LYS A 60 -4.46 16.21 -1.73
CA LYS A 60 -5.67 17.06 -1.89
C LYS A 60 -6.76 16.44 -2.74
N MET A 61 -6.37 15.51 -3.60
CA MET A 61 -7.30 14.81 -4.48
C MET A 61 -8.03 13.65 -3.80
N LEU A 62 -7.54 13.21 -2.64
CA LEU A 62 -7.92 11.91 -2.04
C LEU A 62 -9.06 11.98 -1.03
N ASN A 63 -10.12 11.22 -1.29
CA ASN A 63 -11.23 11.13 -0.37
C ASN A 63 -11.86 9.78 -0.42
N HIS A 64 -11.39 8.87 0.43
CA HIS A 64 -11.98 7.54 0.43
C HIS A 64 -11.72 6.86 1.77
N GLU A 65 -12.60 5.95 2.17
CA GLU A 65 -12.47 5.34 3.52
C GLU A 65 -11.20 4.49 3.72
N ASN A 66 -10.64 3.97 2.64
CA ASN A 66 -9.41 3.18 2.70
C ASN A 66 -8.17 3.95 2.20
N VAL A 67 -8.27 5.28 2.26
CA VAL A 67 -7.16 6.15 1.94
C VAL A 67 -6.95 7.16 3.05
N VAL A 68 -5.72 7.26 3.54
CA VAL A 68 -5.47 8.13 4.67
C VAL A 68 -5.90 9.55 4.24
N LYS A 69 -6.84 10.13 4.99
CA LYS A 69 -7.39 11.45 4.65
C LYS A 69 -6.32 12.51 4.84
N PHE A 70 -6.38 13.53 4.00
CA PHE A 70 -5.57 14.73 4.15
C PHE A 70 -6.44 15.86 4.72
N TYR A 71 -5.96 16.54 5.76
CA TYR A 71 -6.73 17.64 6.34
C TYR A 71 -6.25 19.00 5.84
N GLY A 72 -4.93 19.15 5.70
CA GLY A 72 -4.33 20.38 5.21
C GLY A 72 -2.86 20.46 5.58
N HIS A 73 -2.23 21.59 5.22
CA HIS A 73 -0.83 21.82 5.53
C HIS A 73 -0.54 23.29 5.89
N ARG A 74 0.45 23.50 6.75
CA ARG A 74 0.98 24.83 7.02
C ARG A 74 2.50 24.80 6.87
N ARG A 75 3.05 25.75 6.09
CA ARG A 75 4.50 25.89 5.97
C ARG A 75 4.97 26.98 6.91
N GLU A 76 5.97 26.68 7.72
CA GLU A 76 6.56 27.69 8.61
C GLU A 76 8.07 27.74 8.42
N GLY A 77 8.49 28.69 7.58
CA GLY A 77 9.87 28.78 7.16
C GLY A 77 10.19 27.71 6.14
N ASN A 78 11.01 26.75 6.55
CA ASN A 78 11.53 25.71 5.67
C ASN A 78 10.84 24.35 5.82
N ILE A 79 10.16 24.13 6.95
CA ILE A 79 9.46 22.86 7.17
C ILE A 79 7.99 22.96 6.76
N GLN A 80 7.52 21.91 6.11
CA GLN A 80 6.10 21.76 5.77
C GLN A 80 5.46 20.82 6.79
N TYR A 81 4.26 21.18 7.24
CA TYR A 81 3.49 20.34 8.18
C TYR A 81 2.26 19.84 7.45
N LEU A 82 2.22 18.54 7.18
CA LEU A 82 1.05 17.93 6.56
C LEU A 82 0.20 17.31 7.65
N PHE A 83 -1.06 17.71 7.72
CA PHE A 83 -1.97 17.22 8.72
C PHE A 83 -2.79 16.10 8.11
N LEU A 84 -2.69 14.91 8.69
CA LEU A 84 -3.19 13.69 8.07
C LEU A 84 -3.95 12.82 9.07
N GLU A 85 -4.84 11.99 8.53
CA GLU A 85 -5.66 11.10 9.37
C GLU A 85 -4.75 10.25 10.23
N TYR A 86 -5.03 10.19 11.53
CA TYR A 86 -4.28 9.30 12.44
C TYR A 86 -4.90 7.90 12.50
N CYS A 87 -4.04 6.88 12.36
CA CYS A 87 -4.48 5.49 12.38
C CYS A 87 -3.88 4.74 13.57
N SER A 88 -4.68 4.60 14.61
CA SER A 88 -4.18 4.16 15.92
C SER A 88 -3.75 2.67 16.00
N GLY A 89 -4.14 1.88 15.00
CA GLY A 89 -3.78 0.48 14.88
C GLY A 89 -2.40 0.26 14.25
N GLY A 90 -1.75 1.32 13.81
CA GLY A 90 -0.38 1.22 13.29
C GLY A 90 -0.33 0.50 11.95
N GLU A 91 0.82 -0.07 11.63
CA GLU A 91 1.14 -0.58 10.29
C GLU A 91 0.74 -2.03 10.18
N LEU A 92 0.13 -2.37 9.05
CA LEU A 92 -0.11 -3.77 8.69
C LEU A 92 1.10 -4.63 8.98
N PHE A 93 2.30 -4.12 8.70
CA PHE A 93 3.52 -4.88 8.94
C PHE A 93 3.51 -5.63 10.30
N ASP A 94 3.02 -4.98 11.36
CA ASP A 94 3.05 -5.58 12.74
C ASP A 94 1.91 -6.51 13.10
N ARG A 95 1.02 -6.74 12.12
CA ARG A 95 0.04 -7.84 12.16
C ARG A 95 0.48 -9.15 11.44
N ILE A 96 1.63 -9.13 10.78
CA ILE A 96 2.18 -10.27 10.07
C ILE A 96 3.19 -10.95 10.98
N GLU A 97 2.83 -12.13 11.49
CA GLU A 97 3.78 -12.88 12.33
C GLU A 97 4.84 -13.55 11.45
N PRO A 98 6.13 -13.27 11.71
CA PRO A 98 7.19 -13.87 10.88
C PRO A 98 7.06 -15.37 10.73
N ASP A 99 7.11 -15.82 9.46
CA ASP A 99 7.01 -17.23 9.06
C ASP A 99 5.61 -17.84 9.19
N ILE A 100 4.69 -17.14 9.87
CA ILE A 100 3.30 -17.64 10.02
C ILE A 100 2.29 -16.87 9.15
N GLY A 101 2.38 -15.56 9.23
CA GLY A 101 1.44 -14.68 8.53
C GLY A 101 0.32 -14.26 9.47
N MET A 102 -0.92 -14.62 9.11
CA MET A 102 -2.07 -14.22 9.91
C MET A 102 -3.22 -15.07 9.52
N PRO A 103 -4.29 -15.06 10.34
CA PRO A 103 -5.41 -15.91 9.98
C PRO A 103 -6.01 -15.53 8.62
N GLU A 104 -6.34 -16.52 7.83
CA GLU A 104 -6.80 -16.28 6.42
C GLU A 104 -8.02 -15.36 6.34
N PRO A 105 -8.99 -15.48 7.27
CA PRO A 105 -10.12 -14.51 7.22
C PRO A 105 -9.69 -13.04 7.43
N ASP A 106 -8.76 -12.82 8.34
CA ASP A 106 -8.16 -11.49 8.50
C ASP A 106 -7.43 -10.99 7.21
N ALA A 107 -6.61 -11.86 6.58
CA ALA A 107 -5.93 -11.49 5.32
C ALA A 107 -6.94 -11.12 4.20
N GLN A 108 -7.95 -11.96 4.05
CA GLN A 108 -9.01 -11.66 3.07
C GLN A 108 -9.70 -10.31 3.30
N ARG A 109 -10.09 -10.01 4.53
CA ARG A 109 -10.64 -8.68 4.85
C ARG A 109 -9.64 -7.56 4.55
N PHE A 110 -8.41 -7.68 5.02
CA PHE A 110 -7.40 -6.63 4.66
C PHE A 110 -7.18 -6.46 3.14
N PHE A 111 -7.19 -7.58 2.41
CA PHE A 111 -7.10 -7.60 0.95
C PHE A 111 -8.30 -6.97 0.24
N HIS A 112 -9.50 -7.32 0.71
CA HIS A 112 -10.73 -6.58 0.27
C HIS A 112 -10.56 -5.03 0.39
N GLN A 113 -10.11 -4.59 1.55
CA GLN A 113 -10.01 -3.14 1.84
C GLN A 113 -8.91 -2.51 1.04
N LEU A 114 -7.79 -3.23 0.96
CA LEU A 114 -6.71 -2.88 0.02
C LEU A 114 -7.22 -2.64 -1.38
N MET A 115 -7.92 -3.60 -1.96
CA MET A 115 -8.49 -3.45 -3.31
C MET A 115 -9.39 -2.22 -3.47
N ALA A 116 -10.30 -2.05 -2.52
CA ALA A 116 -11.23 -0.88 -2.61
C ALA A 116 -10.41 0.44 -2.68
N GLY A 117 -9.36 0.52 -1.87
CA GLY A 117 -8.51 1.70 -1.84
C GLY A 117 -7.82 1.88 -3.18
N VAL A 118 -7.15 0.82 -3.65
CA VAL A 118 -6.46 0.83 -4.97
C VAL A 118 -7.42 1.13 -6.12
N VAL A 119 -8.59 0.49 -6.13
CA VAL A 119 -9.60 0.78 -7.19
C VAL A 119 -9.88 2.26 -7.26
N TYR A 120 -10.10 2.84 -6.08
CA TYR A 120 -10.35 4.28 -5.95
C TYR A 120 -9.24 5.14 -6.55
N LEU A 121 -8.01 4.87 -6.09
CA LEU A 121 -6.86 5.61 -6.58
C LEU A 121 -6.79 5.52 -8.09
N HIS A 122 -6.87 4.29 -8.61
CA HIS A 122 -6.71 4.09 -10.05
C HIS A 122 -7.84 4.82 -10.78
N GLY A 123 -9.03 4.83 -10.19
CA GLY A 123 -10.16 5.58 -10.76
C GLY A 123 -9.89 7.07 -10.93
N ILE A 124 -9.17 7.67 -9.99
CA ILE A 124 -8.81 9.12 -10.08
C ILE A 124 -7.47 9.39 -10.81
N GLY A 125 -6.90 8.36 -11.43
CA GLY A 125 -5.69 8.50 -12.24
C GLY A 125 -4.41 8.51 -11.42
N ILE A 126 -4.46 7.94 -10.20
CA ILE A 126 -3.31 7.99 -9.29
C ILE A 126 -2.77 6.59 -9.06
N THR A 127 -1.44 6.42 -9.22
CA THR A 127 -0.76 5.21 -8.78
C THR A 127 0.08 5.49 -7.52
N HIS A 128 0.03 4.57 -6.55
CA HIS A 128 0.76 4.74 -5.32
C HIS A 128 2.29 4.57 -5.51
N ARG A 129 2.69 3.53 -6.25
CA ARG A 129 4.06 3.11 -6.63
C ARG A 129 4.87 2.43 -5.56
N ASP A 130 4.28 2.25 -4.38
CA ASP A 130 5.08 1.68 -3.26
C ASP A 130 4.24 1.05 -2.17
N ILE A 131 3.25 0.28 -2.58
CA ILE A 131 2.40 -0.43 -1.68
C ILE A 131 3.23 -1.51 -0.95
N LYS A 132 3.16 -1.46 0.37
CA LYS A 132 3.74 -2.51 1.21
C LYS A 132 3.15 -2.41 2.61
N PRO A 133 3.31 -3.50 3.42
CA PRO A 133 2.69 -3.50 4.72
C PRO A 133 3.14 -2.35 5.64
N GLU A 134 4.32 -1.80 5.41
CA GLU A 134 4.81 -0.62 6.11
C GLU A 134 3.97 0.66 5.92
N ASN A 135 3.30 0.74 4.76
CA ASN A 135 2.52 1.92 4.27
C ASN A 135 1.01 1.72 4.29
N LEU A 136 0.58 0.59 4.83
CA LEU A 136 -0.82 0.27 4.95
C LEU A 136 -1.10 0.24 6.44
N LEU A 137 -1.94 1.18 6.84
CA LEU A 137 -2.18 1.53 8.25
C LEU A 137 -3.55 1.04 8.68
N LEU A 138 -3.69 0.82 9.99
CA LEU A 138 -4.93 0.30 10.54
C LEU A 138 -5.52 1.33 11.53
N ASP A 139 -6.81 1.59 11.41
CA ASP A 139 -7.49 2.49 12.34
C ASP A 139 -7.88 1.69 13.58
N GLU A 140 -8.59 2.32 14.51
CA GLU A 140 -9.02 1.68 15.75
C GLU A 140 -9.93 0.45 15.55
N ARG A 141 -10.69 0.43 14.45
CA ARG A 141 -11.52 -0.73 14.11
C ARG A 141 -10.85 -1.69 13.11
N ASP A 142 -9.52 -1.60 12.97
CA ASP A 142 -8.75 -2.46 12.06
C ASP A 142 -9.09 -2.25 10.57
N ASN A 143 -9.73 -1.14 10.22
CA ASN A 143 -9.88 -0.80 8.80
C ASN A 143 -8.55 -0.35 8.22
N LEU A 144 -8.22 -0.86 7.03
CA LEU A 144 -6.98 -0.54 6.35
C LEU A 144 -7.11 0.77 5.55
N LYS A 145 -6.03 1.53 5.57
CA LYS A 145 -5.91 2.79 4.85
C LYS A 145 -4.53 2.92 4.22
N ILE A 146 -4.54 3.27 2.94
CA ILE A 146 -3.30 3.41 2.18
C ILE A 146 -2.65 4.75 2.56
N SER A 147 -1.35 4.73 2.87
CA SER A 147 -0.65 5.92 3.30
C SER A 147 0.64 6.15 2.53
N ASP A 148 1.11 7.38 2.66
CA ASP A 148 2.41 7.81 2.14
C ASP A 148 2.43 7.90 0.63
N PHE A 149 2.14 9.10 0.11
CA PHE A 149 1.97 9.34 -1.32
C PHE A 149 3.15 10.08 -1.90
N GLY A 150 4.28 9.90 -1.21
CA GLY A 150 5.53 10.54 -1.58
C GLY A 150 6.14 10.00 -2.85
N LEU A 151 5.76 8.81 -3.26
CA LEU A 151 6.25 8.28 -4.53
C LEU A 151 5.14 8.20 -5.59
N ALA A 152 3.94 8.69 -5.25
CA ALA A 152 2.78 8.52 -6.06
C ALA A 152 2.81 9.50 -7.23
N THR A 153 2.01 9.23 -8.26
CA THR A 153 2.07 10.02 -9.50
C THR A 153 0.77 9.84 -10.29
N VAL A 154 0.47 10.83 -11.13
CA VAL A 154 -0.62 10.73 -12.09
C VAL A 154 -0.27 9.78 -13.25
N PHE A 155 -1.09 8.77 -13.51
CA PHE A 155 -0.90 7.97 -14.72
C PHE A 155 -2.06 8.11 -15.70
N ARG A 156 -3.05 8.96 -15.41
CA ARG A 156 -4.17 9.22 -16.34
C ARG A 156 -4.71 10.62 -16.11
N TYR A 157 -4.77 11.44 -17.16
CA TYR A 157 -5.23 12.80 -17.05
C TYR A 157 -6.02 13.11 -18.35
N ASN A 158 -7.15 13.77 -18.19
CA ASN A 158 -8.08 14.02 -19.27
C ASN A 158 -8.36 12.73 -20.07
N ASN A 159 -8.51 11.62 -19.34
CA ASN A 159 -8.86 10.35 -19.91
C ASN A 159 -7.79 9.73 -20.86
N ARG A 160 -6.54 10.20 -20.77
CA ARG A 160 -5.43 9.67 -21.53
C ARG A 160 -4.39 9.10 -20.55
N GLU A 161 -3.95 7.87 -20.80
CA GLU A 161 -3.05 7.18 -19.89
C GLU A 161 -1.63 7.62 -20.22
N ARG A 162 -0.79 7.74 -19.20
CA ARG A 162 0.62 7.99 -19.41
C ARG A 162 1.35 6.78 -18.89
N LEU A 163 2.15 6.16 -19.75
CA LEU A 163 3.04 5.09 -19.35
C LEU A 163 4.14 5.61 -18.47
N LEU A 164 4.51 4.81 -17.47
CA LEU A 164 5.56 5.16 -16.54
C LEU A 164 6.92 4.72 -17.07
N ASN A 165 7.97 5.34 -16.55
CA ASN A 165 9.36 4.86 -16.80
C ASN A 165 10.32 4.97 -15.61
N LYS A 166 10.06 5.87 -14.66
CA LYS A 166 10.85 5.95 -13.44
C LYS A 166 10.85 4.61 -12.67
N MET A 167 12.04 4.10 -12.36
CA MET A 167 12.16 2.96 -11.46
C MET A 167 11.98 3.49 -10.02
N CYS A 168 10.96 2.97 -9.34
CA CYS A 168 10.70 3.32 -7.95
C CYS A 168 9.83 2.25 -7.28
N GLY A 169 9.67 2.38 -5.97
CA GLY A 169 9.05 1.32 -5.17
C GLY A 169 10.09 0.63 -4.30
N THR A 170 9.82 -0.63 -3.95
CA THR A 170 10.64 -1.42 -2.99
C THR A 170 10.87 -2.80 -3.60
N LEU A 171 12.15 -3.18 -3.80
CA LEU A 171 12.49 -4.31 -4.63
C LEU A 171 11.62 -5.59 -4.46
N PRO A 172 11.48 -6.09 -3.23
CA PRO A 172 10.65 -7.32 -3.03
C PRO A 172 9.17 -7.21 -3.45
N TYR A 173 8.69 -5.96 -3.55
CA TYR A 173 7.30 -5.59 -3.90
C TYR A 173 7.13 -5.10 -5.39
N VAL A 174 8.24 -4.79 -6.07
CA VAL A 174 8.19 -4.33 -7.45
C VAL A 174 7.82 -5.42 -8.47
N ALA A 175 7.11 -4.98 -9.52
CA ALA A 175 6.74 -5.91 -10.57
C ALA A 175 7.89 -6.10 -11.54
N PRO A 176 7.91 -7.24 -12.22
CA PRO A 176 9.10 -7.62 -13.01
C PRO A 176 9.32 -6.70 -14.20
N GLU A 177 8.24 -6.17 -14.75
CA GLU A 177 8.40 -5.23 -15.87
C GLU A 177 9.17 -3.97 -15.55
N LEU A 178 9.04 -3.45 -14.34
CA LEU A 178 9.80 -2.27 -13.96
C LEU A 178 11.33 -2.51 -14.03
N LEU A 179 11.76 -3.76 -13.80
CA LEU A 179 13.18 -4.13 -14.02
C LEU A 179 13.61 -4.47 -15.46
N LYS A 180 12.66 -4.77 -16.33
CA LYS A 180 12.98 -5.31 -17.64
C LYS A 180 12.64 -4.37 -18.79
N ARG A 181 11.66 -3.48 -18.61
CA ARG A 181 11.16 -2.68 -19.73
C ARG A 181 11.49 -1.24 -19.52
N ARG A 182 11.69 -0.47 -20.61
CA ARG A 182 11.87 0.99 -20.48
C ARG A 182 10.61 1.68 -19.95
N GLU A 183 9.47 1.29 -20.50
CA GLU A 183 8.16 1.84 -20.09
C GLU A 183 7.17 0.74 -19.73
N PHE A 184 6.19 1.11 -18.92
CA PHE A 184 5.17 0.14 -18.48
C PHE A 184 3.90 0.85 -17.97
N HIS A 185 2.78 0.14 -18.02
CA HIS A 185 1.52 0.60 -17.50
C HIS A 185 1.55 0.66 -15.97
N ALA A 186 0.91 1.67 -15.38
CA ALA A 186 1.02 1.86 -13.94
C ALA A 186 0.18 0.85 -13.17
N GLU A 187 -1.02 0.61 -13.65
CA GLU A 187 -1.95 -0.18 -12.84
C GLU A 187 -1.45 -1.60 -12.51
N PRO A 188 -0.97 -2.39 -13.53
CA PRO A 188 -0.45 -3.70 -13.20
C PRO A 188 0.68 -3.72 -12.14
N VAL A 189 1.52 -2.68 -12.10
CA VAL A 189 2.54 -2.53 -10.98
C VAL A 189 1.88 -2.52 -9.59
N ASP A 190 0.82 -1.72 -9.39
CA ASP A 190 0.12 -1.73 -8.09
C ASP A 190 -0.55 -3.08 -7.81
N VAL A 191 -1.11 -3.70 -8.87
CA VAL A 191 -1.77 -4.99 -8.66
C VAL A 191 -0.72 -6.01 -8.15
N TRP A 192 0.47 -6.00 -8.77
CA TRP A 192 1.54 -6.91 -8.36
C TRP A 192 1.96 -6.75 -6.90
N SER A 193 2.23 -5.52 -6.50
CA SER A 193 2.60 -5.22 -5.09
C SER A 193 1.52 -5.70 -4.09
N CYS A 194 0.27 -5.53 -4.49
CA CYS A 194 -0.88 -6.06 -3.68
C CYS A 194 -0.79 -7.57 -3.53
N GLY A 195 -0.40 -8.30 -4.60
CA GLY A 195 -0.18 -9.76 -4.45
C GLY A 195 0.96 -10.15 -3.53
N ILE A 196 2.06 -9.44 -3.61
CA ILE A 196 3.15 -9.71 -2.64
C ILE A 196 2.72 -9.41 -1.17
N VAL A 197 1.95 -8.35 -0.98
CA VAL A 197 1.35 -8.06 0.31
C VAL A 197 0.48 -9.25 0.75
N LEU A 198 -0.36 -9.77 -0.15
CA LEU A 198 -1.20 -10.91 0.19
C LEU A 198 -0.34 -12.11 0.62
N THR A 199 0.71 -12.41 -0.16
CA THR A 199 1.64 -13.53 0.15
C THR A 199 2.16 -13.42 1.58
N ALA A 200 2.67 -12.25 1.90
CA ALA A 200 3.20 -11.93 3.25
C ALA A 200 2.16 -12.12 4.33
N MET A 201 0.94 -11.64 4.07
CA MET A 201 -0.17 -11.82 5.02
C MET A 201 -0.44 -13.31 5.34
N LEU A 202 -0.39 -14.15 4.28
CA LEU A 202 -0.72 -15.54 4.38
C LEU A 202 0.49 -16.46 4.70
N ALA A 203 1.71 -15.96 4.51
CA ALA A 203 2.93 -16.77 4.77
C ALA A 203 3.94 -16.23 5.79
N GLY A 204 3.79 -14.96 6.20
CA GLY A 204 4.72 -14.26 7.07
C GLY A 204 6.15 -14.21 6.55
N GLU A 205 6.30 -14.26 5.24
CA GLU A 205 7.60 -14.13 4.57
C GLU A 205 7.42 -13.61 3.16
N LEU A 206 8.43 -12.91 2.67
CA LEU A 206 8.38 -12.41 1.29
C LEU A 206 8.97 -13.50 0.38
N PRO A 207 8.40 -13.67 -0.84
CA PRO A 207 8.76 -14.80 -1.69
C PRO A 207 10.11 -14.67 -2.40
N TRP A 208 10.62 -13.45 -2.57
CA TRP A 208 11.91 -13.22 -3.21
C TRP A 208 12.48 -11.83 -2.94
N ASP A 209 13.81 -11.70 -3.06
CA ASP A 209 14.48 -10.39 -2.89
C ASP A 209 14.06 -9.45 -4.03
N GLN A 210 13.79 -10.03 -5.20
CA GLN A 210 13.26 -9.27 -6.38
C GLN A 210 12.88 -10.20 -7.55
N PRO A 211 11.97 -9.75 -8.46
CA PRO A 211 11.50 -10.66 -9.50
C PRO A 211 12.32 -10.64 -10.81
N SER A 212 13.58 -11.03 -10.70
CA SER A 212 14.46 -11.09 -11.84
C SER A 212 14.80 -12.54 -12.16
N ASP A 213 15.15 -12.80 -13.41
CA ASP A 213 15.49 -14.17 -13.82
C ASP A 213 16.76 -14.71 -13.15
N SER A 214 17.62 -13.80 -12.65
CA SER A 214 18.73 -14.16 -11.79
C SER A 214 18.28 -14.60 -10.38
N CYS A 215 17.10 -14.16 -9.94
CA CYS A 215 16.63 -14.48 -8.61
C CYS A 215 16.07 -15.90 -8.54
N GLN A 216 16.80 -16.76 -7.82
CA GLN A 216 16.46 -18.17 -7.77
C GLN A 216 15.01 -18.41 -7.31
N GLU A 217 14.56 -17.67 -6.30
CA GLU A 217 13.23 -17.94 -5.73
C GLU A 217 12.18 -17.54 -6.75
N TYR A 218 12.48 -16.51 -7.55
CA TYR A 218 11.56 -16.08 -8.61
C TYR A 218 11.47 -17.14 -9.71
N SER A 219 12.63 -17.66 -10.16
CA SER A 219 12.64 -18.71 -11.19
C SER A 219 11.82 -19.93 -10.78
N ASP A 220 11.97 -20.33 -9.52
CA ASP A 220 11.21 -21.42 -8.95
C ASP A 220 9.70 -21.18 -9.06
N TRP A 221 9.25 -19.96 -8.70
CA TRP A 221 7.83 -19.59 -8.86
C TRP A 221 7.36 -19.70 -10.30
N LYS A 222 8.13 -19.18 -11.24
CA LYS A 222 7.78 -19.36 -12.65
C LYS A 222 7.84 -20.84 -13.06
N GLU A 223 8.78 -21.58 -12.48
CA GLU A 223 8.84 -23.04 -12.68
C GLU A 223 7.71 -23.77 -11.94
N LYS A 224 6.86 -23.03 -11.23
CA LYS A 224 5.67 -23.54 -10.51
C LYS A 224 5.97 -24.54 -9.39
N LYS A 225 7.09 -24.35 -8.70
CA LYS A 225 7.52 -25.14 -7.52
C LYS A 225 6.83 -24.64 -6.23
N THR A 226 5.56 -24.99 -6.12
CA THR A 226 4.68 -24.48 -5.08
C THR A 226 4.61 -25.46 -3.89
N TYR A 227 5.44 -26.51 -3.99
CA TYR A 227 5.81 -27.36 -2.86
C TYR A 227 6.91 -26.73 -2.01
N LEU A 228 7.50 -25.63 -2.52
CA LEU A 228 8.45 -24.78 -1.76
C LEU A 228 7.75 -23.60 -1.02
N ASN A 229 8.42 -23.04 0.01
CA ASN A 229 7.90 -21.88 0.76
C ASN A 229 8.13 -20.63 -0.08
N PRO A 230 7.26 -19.60 0.07
CA PRO A 230 6.09 -19.44 0.95
C PRO A 230 4.84 -20.20 0.57
N TRP A 231 4.85 -20.80 -0.64
CA TRP A 231 3.63 -21.22 -1.33
C TRP A 231 3.00 -22.43 -0.65
N LYS A 232 3.84 -23.31 -0.07
CA LYS A 232 3.31 -24.52 0.60
C LYS A 232 2.41 -24.20 1.78
N LYS A 233 2.62 -23.03 2.37
CA LYS A 233 1.85 -22.61 3.54
C LYS A 233 0.49 -22.03 3.21
N ILE A 234 0.23 -21.77 1.94
CA ILE A 234 -0.93 -21.03 1.52
C ILE A 234 -1.92 -22.01 0.96
N ASP A 235 -3.16 -21.87 1.37
CA ASP A 235 -4.16 -22.76 0.84
C ASP A 235 -4.35 -22.59 -0.66
N SER A 236 -4.77 -23.69 -1.30
CA SER A 236 -5.00 -23.76 -2.71
C SER A 236 -5.82 -22.60 -3.26
N ALA A 237 -6.91 -22.26 -2.57
CA ALA A 237 -7.78 -21.19 -3.07
C ALA A 237 -7.09 -19.82 -3.13
N PRO A 238 -6.52 -19.34 -2.01
CA PRO A 238 -5.74 -18.09 -2.17
C PRO A 238 -4.49 -18.21 -3.07
N LEU A 239 -3.85 -19.36 -3.04
CA LEU A 239 -2.76 -19.68 -3.95
C LEU A 239 -3.13 -19.57 -5.45
N ALA A 240 -4.32 -20.03 -5.81
CA ALA A 240 -4.90 -19.86 -7.14
C ALA A 240 -5.05 -18.39 -7.57
N LEU A 241 -5.48 -17.53 -6.65
CA LEU A 241 -5.48 -16.09 -6.89
C LEU A 241 -4.07 -15.55 -7.13
N LEU A 242 -3.12 -15.99 -6.31
CA LEU A 242 -1.75 -15.50 -6.41
C LEU A 242 -1.08 -15.91 -7.77
N HIS A 243 -1.41 -17.11 -8.24
CA HIS A 243 -1.02 -17.56 -9.58
C HIS A 243 -1.56 -16.60 -10.68
N LYS A 244 -2.71 -15.96 -10.45
CA LYS A 244 -3.24 -14.94 -11.43
C LYS A 244 -2.65 -13.52 -11.34
N ILE A 245 -2.23 -13.15 -10.13
CA ILE A 245 -1.68 -11.84 -9.83
C ILE A 245 -0.21 -11.78 -10.20
N LEU A 246 0.53 -12.79 -9.74
CA LEU A 246 1.99 -12.79 -9.91
C LEU A 246 2.43 -13.45 -11.24
N VAL A 247 1.93 -12.87 -12.33
CA VAL A 247 2.08 -13.33 -13.69
C VAL A 247 3.11 -12.35 -14.28
N GLU A 248 4.14 -12.88 -14.92
CA GLU A 248 5.29 -12.03 -15.35
C GLU A 248 4.88 -10.98 -16.40
N ASN A 249 4.14 -11.41 -17.40
CA ASN A 249 3.61 -10.50 -18.44
C ASN A 249 2.49 -9.62 -17.85
N PRO A 250 2.74 -8.30 -17.68
CA PRO A 250 1.73 -7.43 -17.04
C PRO A 250 0.46 -7.24 -17.87
N SER A 251 0.53 -7.58 -19.16
CA SER A 251 -0.66 -7.54 -20.05
C SER A 251 -1.60 -8.72 -19.81
N ALA A 252 -1.03 -9.83 -19.38
CA ALA A 252 -1.76 -11.07 -19.09
C ALA A 252 -2.12 -11.19 -17.60
N ARG A 253 -1.43 -10.41 -16.77
CA ARG A 253 -1.77 -10.30 -15.37
C ARG A 253 -3.26 -9.92 -15.17
N ILE A 254 -3.88 -10.59 -14.19
CA ILE A 254 -5.22 -10.27 -13.74
C ILE A 254 -5.46 -8.81 -13.36
N THR A 255 -6.62 -8.32 -13.76
CA THR A 255 -7.01 -6.97 -13.46
C THR A 255 -7.85 -7.02 -12.22
N ILE A 256 -8.01 -5.84 -11.62
CA ILE A 256 -8.79 -5.71 -10.39
C ILE A 256 -10.25 -6.06 -10.55
N PRO A 257 -10.91 -5.60 -11.63
CA PRO A 257 -12.26 -6.14 -11.85
C PRO A 257 -12.38 -7.69 -11.87
N ASP A 258 -11.36 -8.39 -12.36
CA ASP A 258 -11.37 -9.83 -12.37
C ASP A 258 -10.95 -10.41 -11.03
N ILE A 259 -10.02 -9.74 -10.32
CA ILE A 259 -9.76 -10.11 -8.88
C ILE A 259 -11.07 -10.16 -8.05
N LYS A 260 -11.98 -9.22 -8.30
CA LYS A 260 -13.32 -9.17 -7.62
C LYS A 260 -14.26 -10.35 -7.96
N LYS A 261 -13.92 -11.09 -9.01
CA LYS A 261 -14.66 -12.29 -9.43
C LYS A 261 -14.02 -13.59 -9.00
N ASP A 262 -12.78 -13.54 -8.49
CA ASP A 262 -11.99 -14.70 -8.06
C ASP A 262 -12.74 -15.45 -6.98
N ARG A 263 -12.65 -16.78 -6.99
CA ARG A 263 -13.39 -17.62 -6.04
C ARG A 263 -12.96 -17.36 -4.61
N TRP A 264 -11.65 -17.33 -4.34
CA TRP A 264 -11.19 -17.00 -2.98
C TRP A 264 -11.65 -15.62 -2.47
N TYR A 265 -11.58 -14.63 -3.36
CA TYR A 265 -11.94 -13.29 -2.98
C TYR A 265 -13.36 -13.26 -2.44
N ASN A 266 -14.23 -14.10 -3.02
CA ASN A 266 -15.66 -14.12 -2.71
C ASN A 266 -16.09 -15.28 -1.75
N LYS A 267 -15.10 -15.94 -1.17
CA LYS A 267 -15.34 -17.06 -0.25
C LYS A 267 -15.72 -16.54 1.13
N PRO A 268 -16.91 -16.90 1.66
CA PRO A 268 -17.17 -16.45 3.03
C PRO A 268 -16.22 -17.12 4.03
N LEU A 269 -15.58 -16.30 4.88
CA LEU A 269 -14.56 -16.79 5.82
C LEU A 269 -14.67 -16.13 7.18
N LYS A 270 -15.04 -14.84 7.23
CA LYS A 270 -14.93 -14.06 8.47
C LYS A 270 -16.26 -13.58 9.00
N LYS A 271 -16.45 -13.76 10.30
CA LYS A 271 -17.59 -13.19 11.01
C LYS A 271 -17.38 -11.69 11.25
N GLY A 272 -18.46 -10.92 11.19
CA GLY A 272 -18.41 -9.49 11.49
C GLY A 272 -17.79 -9.14 12.84
N ALA A 273 -17.36 -7.89 12.99
CA ALA A 273 -16.81 -7.40 14.26
C ALA A 273 -17.60 -7.89 15.47
C7 3XK B . 0.83 8.04 8.98
C9 3XK B . 1.79 9.00 6.98
N1 3XK B . -1.20 7.09 11.68
C2 3XK B . -0.48 6.23 12.42
N2 3XK B . -1.22 8.51 9.73
C10 3XK B . 1.91 8.13 8.10
C4 3XK B . 0.64 7.33 10.16
N3 3XK B . 0.64 9.65 6.78
N5 3XK B . 3.47 9.15 5.17
C6 3XK B . -0.32 8.77 8.74
C19 3XK B . 2.71 9.12 6.06
C8 3XK B . -0.40 9.56 7.62
C3 3XK B . -0.64 7.62 10.59
C5 3XK B . 1.41 6.43 10.90
C1 3XK B . 0.82 5.88 12.06
C11 3XK B . 1.52 4.87 12.92
C16 3XK B . 1.09 4.67 14.25
C15 3XK B . 1.69 3.74 15.10
N4 3XK B . 1.27 3.57 16.43
C17 3XK B . 0.33 4.24 17.14
O1 3XK B . -0.33 5.18 16.75
C18 3XK B . 0.14 3.74 18.53
C14 3XK B . 2.71 2.92 14.59
C13 3XK B . 3.12 3.09 13.26
C12 3XK B . 2.52 4.04 12.41
#